data_3O4M
#
_entry.id   3O4M
#
_cell.length_a   69.240
_cell.length_b   69.240
_cell.length_c   69.670
_cell.angle_alpha   90.00
_cell.angle_beta   90.00
_cell.angle_gamma   120.00
#
_symmetry.space_group_name_H-M   'P 31 2 1'
#
loop_
_entity.id
_entity.type
_entity.pdbx_description
1 polymer 'Phospholipase A2, major isoenzyme'
2 non-polymer 'CALCIUM ION'
3 non-polymer CATECHOL
4 water water
#
_entity_poly.entity_id   1
_entity_poly.type   'polypeptide(L)'
_entity_poly.pdbx_seq_one_letter_code
;ALWQFRSMIKCAIPGSHPLMDFNNYGCYCGLGGSGTPVDELDRCCETHDNCYRDAKNLDSCKFLVDNPYTESYSYSCSNT
EITCNSKNNACEAFICNCDRNAAICFSKAPYNKEHKNLDTKKYC
;
_entity_poly.pdbx_strand_id   A
#
# COMPACT_ATOMS: atom_id res chain seq x y z
N ALA A 1 5.27 -6.40 -5.90
CA ALA A 1 4.61 -7.59 -5.34
C ALA A 1 4.48 -7.31 -3.85
N LEU A 2 3.55 -7.97 -3.17
CA LEU A 2 3.32 -7.77 -1.75
C LEU A 2 4.62 -7.66 -0.94
N TRP A 3 5.53 -8.63 -1.06
CA TRP A 3 6.67 -8.60 -0.16
C TRP A 3 7.49 -7.32 -0.43
N GLN A 4 7.46 -6.78 -1.65
CA GLN A 4 8.26 -5.59 -1.93
C GLN A 4 7.59 -4.36 -1.35
N PHE A 5 6.27 -4.38 -1.25
CA PHE A 5 5.55 -3.31 -0.58
C PHE A 5 5.88 -3.31 0.92
N ARG A 6 5.88 -4.47 1.61
CA ARG A 6 6.26 -4.49 3.04
C ARG A 6 7.63 -3.92 3.16
N SER A 7 8.43 -4.21 2.17
CA SER A 7 9.80 -3.84 2.27
C SER A 7 10.05 -2.31 2.01
N MET A 8 9.30 -1.69 1.10
CA MET A 8 9.31 -0.23 0.88
C MET A 8 8.84 0.49 2.15
N ILE A 9 7.84 -0.05 2.83
CA ILE A 9 7.38 0.52 4.11
C ILE A 9 8.50 0.52 5.12
N LYS A 10 9.25 -0.55 5.10
CA LYS A 10 10.34 -0.74 6.06
C LYS A 10 11.43 0.23 5.63
N CYS A 11 11.36 0.55 4.35
CA CYS A 11 12.30 1.55 3.84
C CYS A 11 11.92 2.95 4.33
N ALA A 12 10.78 3.31 4.17
CA ALA A 12 10.33 4.65 4.55
C ALA A 12 10.20 4.82 6.06
N ILE A 13 9.86 3.74 6.76
CA ILE A 13 9.77 3.80 8.23
C ILE A 13 10.61 2.67 8.83
N PRO A 14 11.89 2.97 9.12
CA PRO A 14 12.90 1.98 9.49
C PRO A 14 12.59 1.18 10.76
N GLY A 15 11.97 1.79 11.76
CA GLY A 15 11.58 0.99 12.94
C GLY A 15 10.14 0.53 12.91
N SER A 16 9.77 -0.26 11.90
CA SER A 16 8.37 -0.72 11.75
C SER A 16 8.22 -2.20 11.41
N HIS A 17 7.20 -2.84 11.98
CA HIS A 17 6.78 -4.14 11.48
C HIS A 17 5.49 -4.05 10.65
N PRO A 18 5.63 -3.89 9.32
CA PRO A 18 4.49 -3.64 8.43
C PRO A 18 3.23 -4.50 8.69
N LEU A 19 3.36 -5.84 8.69
CA LEU A 19 2.19 -6.68 8.96
C LEU A 19 1.60 -6.40 10.36
N MET A 20 2.46 -6.26 11.37
CA MET A 20 2.06 -5.88 12.73
C MET A 20 1.44 -4.47 12.77
N ASP A 21 2.06 -3.51 12.07
CA ASP A 21 1.68 -2.12 12.24
C ASP A 21 0.47 -1.70 11.39
N PHE A 22 0.42 -2.11 10.13
CA PHE A 22 -0.53 -1.52 9.14
C PHE A 22 -1.48 -2.50 8.54
N ASN A 23 -1.60 -3.67 9.12
CA ASN A 23 -2.51 -4.66 8.62
C ASN A 23 -3.62 -4.83 9.68
N ASN A 24 -4.87 -4.83 9.22
CA ASN A 24 -6.00 -4.66 10.16
C ASN A 24 -5.84 -3.40 11.01
N TYR A 25 -5.63 -2.31 10.29
CA TYR A 25 -5.67 -0.99 10.83
C TYR A 25 -6.80 -0.27 10.09
N GLY A 26 -7.69 0.38 10.85
CA GLY A 26 -8.66 1.29 10.29
C GLY A 26 -9.72 0.54 9.54
N CYS A 27 -10.44 1.18 8.63
CA CYS A 27 -11.41 0.74 7.62
C CYS A 27 -10.70 -0.04 6.52
N TYR A 28 -9.48 0.28 6.17
CA TYR A 28 -9.04 -0.21 4.86
C TYR A 28 -7.93 -1.21 4.91
N CYS A 29 -6.89 -0.81 5.61
CA CYS A 29 -5.60 -1.55 5.72
C CYS A 29 -5.80 -3.01 6.16
N GLY A 30 -5.77 -3.97 5.25
CA GLY A 30 -5.97 -5.36 5.67
C GLY A 30 -6.51 -6.08 4.47
N LEU A 31 -7.78 -6.60 4.45
CA LEU A 31 -8.35 -7.02 3.10
C LEU A 31 -9.68 -6.21 2.75
N GLY A 32 -9.91 -5.92 1.47
CA GLY A 32 -11.04 -5.06 1.04
C GLY A 32 -11.03 -3.73 1.79
N GLY A 33 -12.19 -3.27 2.20
CA GLY A 33 -12.30 -2.03 2.93
C GLY A 33 -13.77 -1.72 2.85
N SER A 34 -14.25 -0.78 3.68
CA SER A 34 -15.66 -0.34 3.57
C SER A 34 -15.79 1.03 4.21
N GLY A 35 -16.89 1.72 3.93
CA GLY A 35 -17.16 2.97 4.63
C GLY A 35 -16.17 4.05 4.23
N THR A 36 -16.05 5.06 5.11
CA THR A 36 -15.10 6.19 4.93
C THR A 36 -13.88 5.89 5.82
N PRO A 37 -12.65 6.19 5.35
CA PRO A 37 -11.52 5.93 6.25
C PRO A 37 -11.59 6.72 7.55
N VAL A 38 -11.00 6.15 8.61
CA VAL A 38 -11.10 6.75 9.96
C VAL A 38 -10.13 7.89 10.24
N ASP A 39 -8.98 7.90 9.56
CA ASP A 39 -8.02 8.98 9.72
C ASP A 39 -7.13 9.02 8.45
N GLU A 40 -6.14 9.92 8.43
CA GLU A 40 -5.20 10.05 7.31
C GLU A 40 -4.50 8.75 6.94
N LEU A 41 -3.94 8.05 7.93
CA LEU A 41 -3.41 6.71 7.69
C LEU A 41 -4.34 5.78 6.93
N ASP A 42 -5.59 5.68 7.40
CA ASP A 42 -6.58 4.77 6.80
C ASP A 42 -6.89 5.25 5.37
N ARG A 43 -6.72 6.53 5.21
CA ARG A 43 -6.92 7.14 3.94
C ARG A 43 -5.76 6.74 2.99
N CYS A 44 -4.65 6.67 3.54
CA CYS A 44 -3.54 6.25 2.70
C CYS A 44 -3.90 4.85 2.18
N CYS A 45 -4.41 4.00 3.07
CA CYS A 45 -4.77 2.64 2.73
C CYS A 45 -5.83 2.62 1.65
N GLU A 46 -6.85 3.46 1.82
CA GLU A 46 -7.91 3.56 0.80
C GLU A 46 -7.39 3.95 -0.59
N THR A 47 -6.59 5.02 -0.63
CA THR A 47 -5.95 5.43 -1.90
C THR A 47 -5.19 4.27 -2.53
N HIS A 48 -4.49 3.47 -1.72
CA HIS A 48 -3.79 2.32 -2.24
C HIS A 48 -4.73 1.27 -2.83
N ASP A 49 -5.84 0.96 -2.14
CA ASP A 49 -6.79 0.04 -2.77
C ASP A 49 -7.25 0.66 -4.07
N ASN A 50 -7.48 1.98 -4.10
CA ASN A 50 -7.97 2.55 -5.34
C ASN A 50 -6.92 2.43 -6.43
N CYS A 51 -5.67 2.70 -6.06
CA CYS A 51 -4.56 2.69 -6.98
C CYS A 51 -4.43 1.32 -7.61
N TYR A 52 -4.79 0.24 -6.78
CA TYR A 52 -4.72 -1.08 -7.38
C TYR A 52 -5.88 -1.36 -8.31
N ARG A 53 -7.04 -0.86 -7.92
CA ARG A 53 -8.24 -0.91 -8.77
C ARG A 53 -8.00 -0.33 -10.16
N ASP A 54 -7.46 0.90 -10.20
CA ASP A 54 -7.12 1.58 -11.45
C ASP A 54 -6.23 0.70 -12.31
N ALA A 55 -5.24 0.07 -11.67
CA ALA A 55 -4.24 -0.74 -12.35
C ALA A 55 -4.88 -1.94 -12.99
N LYS A 56 -5.79 -2.58 -12.26
CA LYS A 56 -6.49 -3.73 -12.81
C LYS A 56 -7.26 -3.32 -14.04
N ASN A 57 -7.55 -2.02 -14.15
CA ASN A 57 -8.31 -1.49 -15.30
C ASN A 57 -7.56 -0.91 -16.51
N LEU A 58 -6.23 -1.05 -16.52
CA LEU A 58 -5.45 -0.82 -17.74
C LEU A 58 -5.62 -2.10 -18.62
N ASP A 59 -6.24 -1.96 -19.79
CA ASP A 59 -6.58 -3.15 -20.58
C ASP A 59 -5.33 -3.99 -20.81
N SER A 60 -4.08 -3.35 -20.84
CA SER A 60 -2.82 -3.96 -21.23
C SER A 60 -2.08 -4.71 -20.10
N CYS A 61 -2.75 -4.70 -18.85
CA CYS A 61 -2.11 -5.35 -17.73
C CYS A 61 -2.94 -6.57 -17.36
N LYS A 62 -2.41 -7.77 -17.50
CA LYS A 62 -3.19 -8.91 -16.99
C LYS A 62 -2.43 -9.68 -15.88
N PHE A 63 -2.72 -9.34 -14.61
CA PHE A 63 -1.95 -9.90 -13.50
C PHE A 63 -2.26 -11.32 -13.16
N LEU A 64 -1.25 -12.02 -12.65
CA LEU A 64 -1.42 -13.41 -12.30
C LEU A 64 -2.47 -13.48 -11.21
N VAL A 65 -3.41 -14.41 -11.38
CA VAL A 65 -4.60 -14.55 -10.51
C VAL A 65 -5.28 -13.23 -10.24
N ASP A 66 -5.10 -12.29 -11.16
CA ASP A 66 -5.81 -11.00 -11.15
C ASP A 66 -5.42 -10.07 -10.02
N ASN A 67 -4.27 -10.34 -9.42
CA ASN A 67 -3.89 -9.64 -8.22
C ASN A 67 -2.59 -8.92 -8.46
N PRO A 68 -2.66 -7.59 -8.43
CA PRO A 68 -1.45 -6.79 -8.65
C PRO A 68 -0.33 -7.08 -7.67
N TYR A 69 -0.67 -7.59 -6.48
CA TYR A 69 0.34 -7.98 -5.48
C TYR A 69 1.30 -9.10 -5.93
N THR A 70 0.97 -9.79 -7.01
CA THR A 70 1.80 -10.85 -7.46
C THR A 70 2.86 -10.31 -8.40
N GLU A 71 2.84 -9.01 -8.63
CA GLU A 71 3.65 -8.42 -9.69
C GLU A 71 4.94 -7.85 -9.14
N SER A 72 6.07 -8.44 -9.52
CA SER A 72 7.33 -7.92 -9.05
C SER A 72 7.81 -6.83 -10.01
N TYR A 73 8.42 -5.82 -9.44
CA TYR A 73 8.92 -4.70 -10.22
C TYR A 73 10.30 -4.52 -9.70
N SER A 74 10.94 -3.43 -10.08
CA SER A 74 12.27 -3.19 -9.60
C SER A 74 12.26 -1.86 -8.90
N TYR A 75 12.82 -1.81 -7.71
CA TYR A 75 12.98 -0.54 -7.00
C TYR A 75 14.21 -0.69 -6.11
N SER A 76 14.69 0.42 -5.55
CA SER A 76 15.76 0.38 -4.53
C SER A 76 15.44 1.37 -3.41
N CYS A 77 16.17 1.21 -2.28
CA CYS A 77 16.01 2.09 -1.14
C CYS A 77 17.31 2.74 -0.74
N SER A 78 17.18 4.00 -0.46
CA SER A 78 18.38 4.72 -0.09
C SER A 78 18.06 5.85 0.86
N ASN A 79 18.75 5.86 1.99
CA ASN A 79 18.52 6.86 3.05
C ASN A 79 17.07 7.26 3.09
N THR A 80 16.17 6.30 3.21
CA THR A 80 14.73 6.62 3.43
C THR A 80 13.91 6.89 2.19
N GLU A 81 14.60 7.05 1.06
CA GLU A 81 13.98 7.45 -0.20
C GLU A 81 13.78 6.22 -1.09
N ILE A 82 12.55 6.00 -1.55
CA ILE A 82 12.23 4.88 -2.48
C ILE A 82 12.32 5.38 -3.92
N THR A 83 12.98 4.60 -4.80
CA THR A 83 13.03 4.91 -6.24
C THR A 83 12.43 3.73 -7.01
N CYS A 84 11.51 4.04 -7.89
CA CYS A 84 11.07 2.98 -8.78
C CYS A 84 11.97 2.99 -10.01
N ASN A 85 12.39 1.76 -10.40
CA ASN A 85 13.29 1.72 -11.54
C ASN A 85 12.54 2.11 -12.82
N SER A 86 13.17 2.93 -13.67
CA SER A 86 12.47 3.45 -14.87
C SER A 86 12.23 2.35 -15.91
N LYS A 87 12.97 1.27 -15.73
CA LYS A 87 12.96 0.20 -16.66
C LYS A 87 11.88 -0.83 -16.33
N ASN A 88 11.08 -0.57 -15.29
CA ASN A 88 9.87 -1.33 -15.08
C ASN A 88 8.98 -1.10 -16.29
N ASN A 89 8.27 -2.15 -16.72
CA ASN A 89 7.24 -1.93 -17.74
C ASN A 89 6.08 -1.09 -17.19
N ALA A 90 5.25 -0.63 -18.10
CA ALA A 90 4.18 0.33 -17.75
C ALA A 90 3.31 -0.19 -16.59
N CYS A 91 3.16 -1.58 -16.62
CA CYS A 91 2.32 -2.20 -15.57
C CYS A 91 3.11 -2.27 -14.28
N GLU A 92 4.34 -2.75 -14.40
CA GLU A 92 5.25 -2.82 -13.26
C GLU A 92 5.48 -1.45 -12.63
N ALA A 93 5.48 -0.40 -13.44
CA ALA A 93 5.73 0.95 -12.89
C ALA A 93 4.50 1.50 -12.15
N PHE A 94 3.30 1.14 -12.63
CA PHE A 94 2.09 1.58 -12.00
C PHE A 94 2.01 1.01 -10.63
N ILE A 95 2.28 -0.29 -10.49
CA ILE A 95 2.20 -0.92 -9.18
C ILE A 95 3.29 -0.34 -8.29
N CYS A 96 4.59 -0.38 -8.91
CA CYS A 96 5.66 0.21 -8.16
C CYS A 96 5.23 1.55 -7.57
N ASN A 97 4.57 2.59 -8.35
CA ASN A 97 4.11 3.85 -7.80
C ASN A 97 2.97 3.78 -6.74
N CYS A 98 2.14 2.91 -6.84
CA CYS A 98 1.11 2.77 -5.80
C CYS A 98 1.78 2.46 -4.49
N ASP A 99 2.63 1.46 -4.54
CA ASP A 99 3.32 1.03 -3.32
C ASP A 99 4.18 2.18 -2.81
N ARG A 100 4.95 2.77 -3.71
CA ARG A 100 5.73 3.95 -3.37
C ARG A 100 4.88 5.02 -2.71
N ASN A 101 3.84 5.54 -3.38
CA ASN A 101 3.03 6.57 -2.75
C ASN A 101 2.39 6.13 -1.41
N ALA A 102 1.95 4.88 -1.30
CA ALA A 102 1.46 4.41 -0.01
C ALA A 102 2.58 4.37 1.06
N ALA A 103 3.77 3.96 0.73
CA ALA A 103 4.81 3.95 1.80
C ALA A 103 5.09 5.34 2.33
N ILE A 104 5.19 6.33 1.46
CA ILE A 104 5.51 7.66 1.89
C ILE A 104 4.33 8.23 2.65
N CYS A 105 3.23 8.15 2.02
CA CYS A 105 1.97 8.50 2.70
C CYS A 105 1.94 7.95 4.14
N PHE A 106 2.09 6.53 4.37
CA PHE A 106 2.19 5.94 5.71
C PHE A 106 3.17 6.72 6.57
N SER A 107 4.33 7.02 6.02
CA SER A 107 5.40 7.55 6.83
C SER A 107 5.07 8.92 7.39
N LYS A 108 4.06 9.57 6.81
CA LYS A 108 3.69 10.94 7.24
C LYS A 108 2.39 11.02 8.04
N ALA A 109 1.57 9.96 7.98
CA ALA A 109 0.27 9.97 8.68
C ALA A 109 0.49 9.72 10.15
N PRO A 110 -0.26 10.40 11.01
CA PRO A 110 -0.17 10.03 12.44
C PRO A 110 -0.64 8.60 12.69
N TYR A 111 -0.03 7.91 13.66
CA TYR A 111 -0.44 6.54 13.99
C TYR A 111 -1.25 6.49 15.29
N ASN A 112 -2.53 6.17 15.17
CA ASN A 112 -3.47 6.19 16.28
C ASN A 112 -3.80 4.78 16.70
N LYS A 113 -3.30 4.35 17.85
CA LYS A 113 -3.49 2.96 18.29
C LYS A 113 -4.95 2.54 18.32
N GLU A 114 -5.83 3.46 18.71
CA GLU A 114 -7.27 3.20 18.84
C GLU A 114 -7.85 2.61 17.54
N HIS A 115 -7.12 2.80 16.45
CA HIS A 115 -7.60 2.44 15.12
C HIS A 115 -7.06 1.12 14.59
N LYS A 116 -6.09 0.55 15.30
CA LYS A 116 -5.54 -0.75 14.94
C LYS A 116 -6.56 -1.75 15.48
N ASN A 117 -6.99 -2.68 14.62
CA ASN A 117 -8.01 -3.68 14.97
C ASN A 117 -9.37 -3.07 15.34
N LEU A 118 -9.88 -2.32 14.38
CA LEU A 118 -11.08 -1.56 14.58
C LEU A 118 -12.23 -2.56 14.42
N ASP A 119 -13.26 -2.36 15.23
CA ASP A 119 -14.55 -2.97 14.98
C ASP A 119 -15.09 -2.34 13.68
N THR A 120 -14.74 -2.95 12.54
CA THR A 120 -15.15 -2.42 11.25
C THR A 120 -16.69 -2.53 11.05
N LYS A 121 -17.29 -3.67 11.37
CA LYS A 121 -18.75 -3.85 11.28
C LYS A 121 -19.54 -2.66 11.85
N LYS A 122 -18.95 -1.99 12.83
CA LYS A 122 -19.61 -0.96 13.63
C LYS A 122 -19.23 0.45 13.17
N TYR A 123 -17.95 0.67 12.81
CA TYR A 123 -17.39 2.01 12.50
C TYR A 123 -16.98 2.28 11.05
N CYS A 124 -17.21 1.19 10.29
CA CYS A 124 -16.84 1.31 8.89
C CYS A 124 -18.07 1.17 7.99
#